data_6WHD
#
_entry.id   6WHD
#
_cell.length_a   116.770
_cell.length_b   64.500
_cell.length_c   74.210
_cell.angle_alpha   90.000
_cell.angle_beta   125.890
_cell.angle_gamma   90.000
#
_symmetry.space_group_name_H-M   'C 1 2 1'
#
loop_
_entity.id
_entity.type
_entity.pdbx_description
1 polymer 'Thiol:disulfide interchange protein DsbA'
2 non-polymer '[4-(4-cyano-3-methylphenoxy)phenyl]acetic acid'
3 non-polymer 'COPPER (II) ION'
4 water water
#
_entity_poly.entity_id   1
_entity_poly.type   'polypeptide(L)'
_entity_poly.pdbx_seq_one_letter_code
;AQYEDGKQYTTLEKPVAGAPQVLEFFSFFCPHCYQFEEVLHISDNVKKKLPEGVKMTKYHVNFMGGDLGKDLTQAWAVAM
ALGVEDKVTVPLFEGVQKTQTIRSASDIRDVFINAGIKGEEYDAAWNSFVVKSLVAQQEKAAADVQLRGVPAMFVNGKYQ
LNPQGMDTSNMDVFVQQYADTVKYLSEKK
;
_entity_poly.pdbx_strand_id   A,B
#
loop_
_chem_comp.id
_chem_comp.type
_chem_comp.name
_chem_comp.formula
CU non-polymer 'COPPER (II) ION' 'Cu 2'
KFS non-polymer '[4-(4-cyano-3-methylphenoxy)phenyl]acetic acid' 'C16 H13 N O3'
#
# COMPACT_ATOMS: atom_id res chain seq x y z
N ALA A 1 -32.28 3.46 9.11
CA ALA A 1 -32.11 4.34 7.97
C ALA A 1 -30.97 3.79 7.11
N GLN A 2 -30.88 4.25 5.86
CA GLN A 2 -29.88 3.68 4.96
C GLN A 2 -28.47 4.15 5.33
N TYR A 3 -28.33 5.41 5.73
CA TYR A 3 -27.08 5.94 6.25
C TYR A 3 -27.29 6.15 7.75
N GLU A 4 -26.41 5.57 8.57
CA GLU A 4 -26.61 5.62 10.02
C GLU A 4 -25.30 5.98 10.71
N ASP A 5 -25.41 6.92 11.64
CA ASP A 5 -24.30 7.23 12.54
C ASP A 5 -23.75 5.94 13.14
N GLY A 6 -22.44 5.77 13.04
CA GLY A 6 -21.79 4.56 13.45
C GLY A 6 -21.60 3.54 12.36
N LYS A 7 -22.27 3.70 11.21
CA LYS A 7 -22.06 2.75 10.12
C LYS A 7 -21.16 3.30 9.02
N GLN A 8 -21.71 4.07 8.07
CA GLN A 8 -20.83 4.62 7.04
C GLN A 8 -20.09 5.86 7.51
N TYR A 9 -20.48 6.43 8.65
CA TYR A 9 -19.83 7.61 9.20
C TYR A 9 -20.05 7.62 10.72
N THR A 10 -19.25 8.42 11.39
CA THR A 10 -19.39 8.71 12.81
C THR A 10 -19.55 10.21 12.99
N THR A 11 -20.09 10.62 14.12
CA THR A 11 -20.32 12.04 14.37
C THR A 11 -19.35 12.50 15.45
N LEU A 12 -18.64 13.59 15.19
CA LEU A 12 -17.71 14.13 16.17
C LEU A 12 -18.48 14.61 17.40
N GLU A 13 -18.00 14.25 18.58
CA GLU A 13 -18.63 14.78 19.78
C GLU A 13 -18.33 16.27 19.94
N LYS A 14 -17.13 16.71 19.54
CA LYS A 14 -16.77 18.12 19.53
C LYS A 14 -16.78 18.62 18.09
N PRO A 15 -17.88 19.18 17.60
CA PRO A 15 -17.88 19.71 16.22
C PRO A 15 -16.93 20.90 16.09
N VAL A 16 -16.34 21.03 14.91
CA VAL A 16 -15.34 22.07 14.64
C VAL A 16 -16.01 23.14 13.78
N ALA A 17 -16.29 24.30 14.38
CA ALA A 17 -16.99 25.37 13.67
C ALA A 17 -16.07 26.01 12.62
N GLY A 18 -16.66 26.30 11.46
CA GLY A 18 -15.91 26.99 10.41
C GLY A 18 -14.80 26.16 9.81
N ALA A 19 -15.00 24.85 9.69
CA ALA A 19 -14.00 23.99 9.07
C ALA A 19 -14.27 23.87 7.58
N PRO A 20 -13.29 23.41 6.79
CA PRO A 20 -13.55 23.22 5.36
C PRO A 20 -14.71 22.26 5.15
N GLN A 21 -15.42 22.46 4.04
CA GLN A 21 -16.60 21.64 3.77
C GLN A 21 -16.23 20.16 3.69
N VAL A 22 -15.20 19.84 2.92
CA VAL A 22 -14.73 18.46 2.74
C VAL A 22 -13.22 18.47 2.97
N LEU A 23 -12.79 17.83 4.04
CA LEU A 23 -11.42 17.89 4.51
C LEU A 23 -10.87 16.49 4.60
N GLU A 24 -9.89 16.17 3.76
CA GLU A 24 -9.21 14.89 3.72
C GLU A 24 -7.81 15.03 4.31
N PHE A 25 -7.38 14.04 5.08
CA PHE A 25 -6.04 14.02 5.65
C PHE A 25 -5.34 12.75 5.16
N PHE A 26 -4.05 12.88 4.80
CA PHE A 26 -3.32 11.70 4.35
C PHE A 26 -1.87 11.80 4.82
N SER A 27 -1.12 10.72 4.61
CA SER A 27 0.35 10.75 4.74
C SER A 27 0.93 9.98 3.57
N PHE A 28 2.04 10.49 3.02
CA PHE A 28 2.75 9.75 1.98
C PHE A 28 3.38 8.45 2.50
N PHE A 29 3.41 8.25 3.84
CA PHE A 29 3.85 7.01 4.47
C PHE A 29 2.73 6.02 4.75
N CYS A 30 1.50 6.38 4.48
CA CYS A 30 0.36 5.58 4.94
CA CYS A 30 0.35 5.60 4.95
C CYS A 30 -0.08 4.61 3.86
N PRO A 31 0.02 3.29 4.10
CA PRO A 31 -0.34 2.34 3.03
C PRO A 31 -1.76 2.46 2.53
N HIS A 32 -2.75 2.67 3.42
CA HIS A 32 -4.10 2.81 2.89
C HIS A 32 -4.23 4.08 2.05
N CYS A 33 -3.49 5.16 2.40
CA CYS A 33 -3.54 6.38 1.61
CA CYS A 33 -3.55 6.37 1.61
C CYS A 33 -2.97 6.16 0.21
N TYR A 34 -1.95 5.30 0.09
CA TYR A 34 -1.45 4.91 -1.22
C TYR A 34 -2.57 4.29 -2.05
N GLN A 35 -3.34 3.37 -1.44
CA GLN A 35 -4.46 2.74 -2.14
C GLN A 35 -5.53 3.78 -2.48
N PHE A 36 -5.88 4.63 -1.50
CA PHE A 36 -6.89 5.66 -1.71
C PHE A 36 -6.54 6.56 -2.89
N GLU A 37 -5.25 6.85 -3.08
CA GLU A 37 -4.89 7.72 -4.19
C GLU A 37 -4.65 6.97 -5.50
N GLU A 38 -3.78 5.96 -5.49
CA GLU A 38 -3.39 5.37 -6.74
C GLU A 38 -4.32 4.27 -7.25
N VAL A 39 -5.04 3.55 -6.38
CA VAL A 39 -5.86 2.43 -6.84
C VAL A 39 -7.33 2.80 -6.91
N LEU A 40 -7.80 3.63 -5.96
CA LEU A 40 -9.20 3.98 -5.82
C LEU A 40 -9.52 5.39 -6.29
N HIS A 41 -8.55 6.30 -6.32
CA HIS A 41 -8.79 7.70 -6.70
C HIS A 41 -9.98 8.27 -5.91
N ILE A 42 -9.92 8.10 -4.60
CA ILE A 42 -11.03 8.51 -3.72
C ILE A 42 -11.32 10.01 -3.89
N SER A 43 -10.28 10.84 -3.78
CA SER A 43 -10.48 12.28 -3.84
C SER A 43 -11.16 12.69 -5.12
N ASP A 44 -10.73 12.12 -6.25
CA ASP A 44 -11.33 12.50 -7.52
CA ASP A 44 -11.32 12.49 -7.52
C ASP A 44 -12.78 12.05 -7.59
N ASN A 45 -13.09 10.87 -7.06
CA ASN A 45 -14.45 10.36 -7.19
C ASN A 45 -15.41 11.05 -6.22
N VAL A 46 -14.97 11.40 -5.02
CA VAL A 46 -15.74 12.30 -4.15
C VAL A 46 -15.99 13.63 -4.88
N LYS A 47 -14.94 14.23 -5.41
CA LYS A 47 -15.10 15.53 -6.06
C LYS A 47 -16.10 15.49 -7.19
N LYS A 48 -16.11 14.39 -7.96
CA LYS A 48 -17.02 14.29 -9.08
C LYS A 48 -18.48 14.11 -8.65
N LYS A 49 -18.74 13.76 -7.40
CA LYS A 49 -20.11 13.65 -6.91
C LYS A 49 -20.55 14.85 -6.07
N LEU A 50 -19.66 15.80 -5.82
CA LEU A 50 -20.01 16.79 -4.80
C LEU A 50 -20.92 17.86 -5.38
N PRO A 51 -21.86 18.36 -4.59
CA PRO A 51 -22.73 19.44 -5.07
C PRO A 51 -21.89 20.63 -5.50
N GLU A 52 -22.55 21.58 -6.14
CA GLU A 52 -21.93 22.83 -6.53
C GLU A 52 -21.63 23.70 -5.31
N GLY A 53 -20.55 24.46 -5.40
CA GLY A 53 -20.16 25.32 -4.30
C GLY A 53 -19.55 24.59 -3.12
N VAL A 54 -19.16 23.33 -3.29
CA VAL A 54 -18.55 22.56 -2.21
C VAL A 54 -17.09 22.31 -2.57
N LYS A 55 -16.19 22.99 -1.82
CA LYS A 55 -14.74 22.93 -1.97
C LYS A 55 -14.14 21.73 -1.25
N MET A 56 -13.06 21.19 -1.83
CA MET A 56 -12.33 20.08 -1.26
C MET A 56 -10.92 20.51 -0.87
N THR A 57 -10.54 20.15 0.34
CA THR A 57 -9.25 20.49 0.91
C THR A 57 -8.58 19.18 1.31
N LYS A 58 -7.30 19.05 1.01
CA LYS A 58 -6.58 17.83 1.35
C LYS A 58 -5.26 18.22 1.99
N TYR A 59 -4.99 17.67 3.17
CA TYR A 59 -3.84 18.07 3.97
C TYR A 59 -3.01 16.85 4.35
N HIS A 60 -1.69 17.04 4.47
CA HIS A 60 -0.72 16.03 4.95
C HIS A 60 -0.60 16.11 6.48
N VAL A 61 -0.11 15.04 7.08
CA VAL A 61 0.03 14.98 8.54
C VAL A 61 1.47 14.66 8.90
N ASN A 62 1.82 15.01 10.13
CA ASN A 62 3.17 14.81 10.64
C ASN A 62 3.35 13.48 11.35
N PHE A 63 2.29 12.83 11.81
CA PHE A 63 2.53 11.80 12.83
C PHE A 63 3.09 10.48 12.27
N MET A 64 3.33 10.38 10.97
CA MET A 64 4.00 9.21 10.41
C MET A 64 5.31 9.65 9.77
N GLY A 65 6.37 8.88 10.01
CA GLY A 65 7.62 9.11 9.30
C GLY A 65 8.57 10.09 9.94
N GLY A 66 8.34 10.46 11.19
CA GLY A 66 9.34 11.21 11.94
C GLY A 66 9.77 12.43 11.18
N ASP A 67 11.09 12.64 11.05
CA ASP A 67 11.60 13.85 10.39
C ASP A 67 11.09 13.97 8.95
N LEU A 68 11.20 12.91 8.18
CA LEU A 68 10.78 12.98 6.78
C LEU A 68 9.29 13.24 6.65
N GLY A 69 8.50 12.73 7.59
CA GLY A 69 7.07 12.98 7.52
C GLY A 69 6.76 14.45 7.66
N LYS A 70 7.53 15.14 8.50
CA LYS A 70 7.37 16.59 8.66
C LYS A 70 7.88 17.35 7.43
N ASP A 71 8.99 16.90 6.82
CA ASP A 71 9.40 17.43 5.53
C ASP A 71 8.30 17.28 4.50
N LEU A 72 7.63 16.13 4.48
CA LEU A 72 6.59 15.92 3.50
C LEU A 72 5.39 16.84 3.75
N THR A 73 5.12 17.22 5.00
CA THR A 73 4.03 18.18 5.21
C THR A 73 4.40 19.54 4.62
N GLN A 74 5.65 19.95 4.82
CA GLN A 74 6.13 21.20 4.22
C GLN A 74 6.15 21.10 2.69
N ALA A 75 6.62 19.96 2.12
CA ALA A 75 6.57 19.79 0.67
C ALA A 75 5.14 19.85 0.14
N TRP A 76 4.19 19.28 0.89
CA TRP A 76 2.80 19.34 0.44
C TRP A 76 2.30 20.79 0.48
N ALA A 77 2.75 21.56 1.48
CA ALA A 77 2.46 23.00 1.50
C ALA A 77 3.05 23.68 0.26
N VAL A 78 4.25 23.28 -0.17
CA VAL A 78 4.81 23.81 -1.43
C VAL A 78 3.93 23.40 -2.61
N ALA A 79 3.51 22.12 -2.64
CA ALA A 79 2.65 21.66 -3.73
C ALA A 79 1.36 22.48 -3.81
N MET A 80 0.75 22.76 -2.65
CA MET A 80 -0.49 23.55 -2.64
C MET A 80 -0.22 25.00 -3.03
N ALA A 81 0.88 25.56 -2.53
CA ALA A 81 1.21 26.95 -2.87
C ALA A 81 1.44 27.12 -4.36
N LEU A 82 2.18 26.20 -4.97
CA LEU A 82 2.45 26.29 -6.40
C LEU A 82 1.33 25.71 -7.25
N GLY A 83 0.37 25.02 -6.65
CA GLY A 83 -0.69 24.40 -7.43
C GLY A 83 -0.25 23.21 -8.27
N VAL A 84 0.67 22.38 -7.75
CA VAL A 84 1.18 21.26 -8.54
C VAL A 84 0.92 19.93 -7.84
N GLU A 85 -0.12 19.88 -7.00
CA GLU A 85 -0.52 18.64 -6.34
C GLU A 85 -0.65 17.49 -7.34
N ASP A 86 -1.35 17.73 -8.46
CA ASP A 86 -1.57 16.67 -9.45
C ASP A 86 -0.27 16.20 -10.10
N LYS A 87 0.80 16.99 -10.06
CA LYS A 87 2.07 16.62 -10.67
C LYS A 87 2.98 15.82 -9.74
N VAL A 88 2.85 15.96 -8.43
CA VAL A 88 3.79 15.37 -7.48
C VAL A 88 3.20 14.27 -6.63
N THR A 89 1.87 14.13 -6.58
CA THR A 89 1.29 13.18 -5.62
C THR A 89 1.73 11.76 -5.94
N VAL A 90 1.61 11.34 -7.19
CA VAL A 90 2.03 9.97 -7.54
C VAL A 90 3.52 9.75 -7.31
N PRO A 91 4.42 10.58 -7.83
CA PRO A 91 5.86 10.32 -7.61
C PRO A 91 6.25 10.39 -6.14
N LEU A 92 5.51 11.14 -5.32
CA LEU A 92 5.85 11.15 -3.90
C LEU A 92 5.41 9.86 -3.24
N PHE A 93 4.18 9.40 -3.52
CA PHE A 93 3.74 8.11 -3.01
C PHE A 93 4.70 7.00 -3.42
N GLU A 94 5.03 6.92 -4.72
CA GLU A 94 5.89 5.84 -5.19
C GLU A 94 7.31 5.98 -4.64
N GLY A 95 7.82 7.20 -4.54
CA GLY A 95 9.16 7.35 -3.99
C GLY A 95 9.26 6.94 -2.53
N VAL A 96 8.18 7.18 -1.74
CA VAL A 96 8.19 6.74 -0.36
C VAL A 96 7.88 5.24 -0.26
N GLN A 97 6.82 4.76 -0.91
CA GLN A 97 6.38 3.40 -0.60
C GLN A 97 6.72 2.34 -1.65
N LYS A 98 7.02 2.69 -2.89
CA LYS A 98 7.31 1.65 -3.88
C LYS A 98 8.80 1.47 -4.09
N THR A 99 9.50 2.55 -4.47
CA THR A 99 10.89 2.45 -4.91
C THR A 99 11.89 2.76 -3.81
N GLN A 100 11.44 3.36 -2.70
CA GLN A 100 12.31 3.63 -1.56
C GLN A 100 13.45 4.55 -1.96
N THR A 101 13.12 5.54 -2.78
CA THR A 101 14.10 6.50 -3.27
C THR A 101 13.96 7.84 -2.58
N ILE A 102 13.02 7.99 -1.65
CA ILE A 102 12.87 9.23 -0.89
C ILE A 102 13.32 8.97 0.52
N ARG A 103 14.49 9.50 0.86
CA ARG A 103 15.09 9.35 2.17
C ARG A 103 15.46 10.67 2.80
N SER A 104 15.34 11.79 2.08
CA SER A 104 15.80 13.06 2.61
C SER A 104 14.93 14.14 2.01
N ALA A 105 15.09 15.35 2.53
CA ALA A 105 14.40 16.49 1.94
C ALA A 105 14.89 16.73 0.52
N SER A 106 16.17 16.50 0.24
CA SER A 106 16.67 16.65 -1.13
C SER A 106 15.99 15.67 -2.09
N ASP A 107 15.75 14.44 -1.65
CA ASP A 107 15.06 13.48 -2.51
C ASP A 107 13.64 13.93 -2.79
N ILE A 108 12.97 14.53 -1.80
CA ILE A 108 11.64 15.10 -2.06
C ILE A 108 11.76 16.17 -3.13
N ARG A 109 12.74 17.06 -2.97
CA ARG A 109 12.93 18.14 -3.94
C ARG A 109 13.13 17.60 -5.35
N ASP A 110 13.84 16.49 -5.50
CA ASP A 110 14.09 15.91 -6.83
C ASP A 110 12.80 15.57 -7.57
N VAL A 111 11.81 15.04 -6.84
CA VAL A 111 10.50 14.78 -7.42
C VAL A 111 9.92 16.05 -8.05
N PHE A 112 10.00 17.19 -7.36
CA PHE A 112 9.45 18.43 -7.91
C PHE A 112 10.27 18.92 -9.12
N ILE A 113 11.59 18.88 -9.03
CA ILE A 113 12.43 19.19 -10.20
C ILE A 113 12.04 18.33 -11.39
N ASN A 114 11.99 17.01 -11.19
CA ASN A 114 11.68 16.09 -12.28
C ASN A 114 10.29 16.33 -12.83
N ALA A 115 9.37 16.79 -11.99
CA ALA A 115 8.04 17.17 -12.43
C ALA A 115 7.99 18.56 -13.07
N GLY A 116 9.13 19.28 -13.15
CA GLY A 116 9.17 20.50 -13.92
C GLY A 116 9.12 21.79 -13.13
N ILE A 117 9.10 21.73 -11.81
CA ILE A 117 9.17 22.94 -11.00
C ILE A 117 10.62 23.39 -10.97
N LYS A 118 10.87 24.66 -11.28
CA LYS A 118 12.24 25.14 -11.36
C LYS A 118 12.89 25.10 -9.98
N GLY A 119 14.19 24.85 -9.97
CA GLY A 119 14.90 24.71 -8.72
C GLY A 119 14.79 25.94 -7.85
N GLU A 120 14.98 27.13 -8.43
CA GLU A 120 14.86 28.36 -7.67
C GLU A 120 13.44 28.55 -7.15
N GLU A 121 12.45 28.11 -7.92
CA GLU A 121 11.06 28.29 -7.55
C GLU A 121 10.68 27.36 -6.41
N TYR A 122 11.17 26.12 -6.46
CA TYR A 122 10.90 25.21 -5.36
C TYR A 122 11.51 25.72 -4.06
N ASP A 123 12.75 26.19 -4.13
CA ASP A 123 13.46 26.62 -2.92
C ASP A 123 12.86 27.90 -2.36
N ALA A 124 12.53 28.88 -3.22
CA ALA A 124 11.85 30.09 -2.74
C ALA A 124 10.57 29.72 -2.00
N ALA A 125 9.76 28.83 -2.59
CA ALA A 125 8.52 28.41 -1.93
C ALA A 125 8.81 27.71 -0.61
N TRP A 126 9.70 26.71 -0.65
CA TRP A 126 10.04 25.94 0.54
C TRP A 126 10.36 26.84 1.73
N ASN A 127 11.11 27.91 1.49
CA ASN A 127 11.53 28.82 2.56
C ASN A 127 10.55 29.96 2.79
N SER A 128 9.43 30.01 2.09
CA SER A 128 8.57 31.19 2.17
C SER A 128 7.66 31.14 3.40
N PHE A 129 7.22 32.32 3.86
CA PHE A 129 6.29 32.37 4.98
C PHE A 129 4.87 32.03 4.54
N VAL A 130 4.56 32.17 3.26
CA VAL A 130 3.29 31.65 2.76
C VAL A 130 3.24 30.14 2.97
N VAL A 131 4.37 29.45 2.76
CA VAL A 131 4.39 28.01 2.98
C VAL A 131 4.39 27.67 4.47
N LYS A 132 5.13 28.44 5.30
CA LYS A 132 4.97 28.26 6.74
C LYS A 132 3.52 28.42 7.18
N SER A 133 2.80 29.38 6.62
CA SER A 133 1.41 29.58 7.02
C SER A 133 0.56 28.37 6.63
N LEU A 134 0.85 27.78 5.45
CA LEU A 134 0.10 26.60 4.98
C LEU A 134 0.42 25.38 5.82
N VAL A 135 1.67 25.25 6.26
CA VAL A 135 2.02 24.20 7.20
C VAL A 135 1.20 24.34 8.48
N ALA A 136 1.17 25.57 9.02
CA ALA A 136 0.39 25.83 10.23
C ALA A 136 -1.08 25.50 10.02
N GLN A 137 -1.63 25.76 8.83
CA GLN A 137 -3.04 25.45 8.60
C GLN A 137 -3.26 23.94 8.59
N GLN A 138 -2.34 23.18 8.00
CA GLN A 138 -2.47 21.73 8.01
C GLN A 138 -2.43 21.20 9.43
N GLU A 139 -1.47 21.67 10.23
CA GLU A 139 -1.39 21.24 11.63
C GLU A 139 -2.66 21.62 12.40
N LYS A 140 -3.11 22.87 12.26
CA LYS A 140 -4.25 23.30 13.07
C LYS A 140 -5.46 22.42 12.79
N ALA A 141 -5.72 22.15 11.50
CA ALA A 141 -6.89 21.39 11.09
C ALA A 141 -6.87 19.98 11.69
N ALA A 142 -5.70 19.33 11.63
CA ALA A 142 -5.58 18.01 12.26
C ALA A 142 -5.76 18.09 13.76
N ALA A 143 -5.21 19.13 14.38
CA ALA A 143 -5.36 19.27 15.82
C ALA A 143 -6.81 19.49 16.18
N ASP A 144 -7.54 20.24 15.34
CA ASP A 144 -8.94 20.55 15.61
C ASP A 144 -9.77 19.29 15.85
N VAL A 145 -9.46 18.18 15.16
CA VAL A 145 -10.22 16.96 15.34
C VAL A 145 -9.38 15.88 16.03
N GLN A 146 -8.39 16.30 16.79
CA GLN A 146 -7.43 15.40 17.44
C GLN A 146 -7.16 14.16 16.59
N LEU A 147 -6.65 14.39 15.38
CA LEU A 147 -6.39 13.33 14.40
C LEU A 147 -5.25 12.41 14.83
N ARG A 148 -5.56 11.11 14.95
CA ARG A 148 -4.55 10.10 15.24
C ARG A 148 -4.48 9.00 14.18
N GLY A 149 -5.29 9.07 13.12
CA GLY A 149 -5.16 8.11 12.03
C GLY A 149 -5.52 8.68 10.68
N VAL A 150 -4.87 8.14 9.65
CA VAL A 150 -5.18 8.42 8.26
C VAL A 150 -5.34 7.09 7.54
N PRO A 151 -5.96 7.09 6.35
CA PRO A 151 -6.61 8.27 5.78
C PRO A 151 -7.84 8.67 6.59
N ALA A 152 -8.23 9.94 6.52
CA ALA A 152 -9.45 10.36 7.19
C ALA A 152 -10.11 11.44 6.35
N MET A 153 -11.43 11.56 6.48
CA MET A 153 -12.17 12.60 5.78
C MET A 153 -13.32 13.12 6.63
N PHE A 154 -13.45 14.46 6.68
CA PHE A 154 -14.39 15.15 7.55
C PHE A 154 -15.28 16.05 6.72
N VAL A 155 -16.58 16.06 7.03
CA VAL A 155 -17.54 16.86 6.29
C VAL A 155 -18.11 17.94 7.21
N ASN A 156 -17.88 19.20 6.85
CA ASN A 156 -18.35 20.36 7.60
C ASN A 156 -17.98 20.26 9.08
N GLY A 157 -16.78 19.80 9.37
CA GLY A 157 -16.33 19.72 10.74
C GLY A 157 -17.22 18.93 11.68
N LYS A 158 -18.17 18.15 11.15
CA LYS A 158 -19.16 17.48 11.98
C LYS A 158 -19.18 15.97 11.87
N TYR A 159 -18.88 15.42 10.70
CA TYR A 159 -19.05 14.01 10.40
C TYR A 159 -17.75 13.45 9.85
N GLN A 160 -17.43 12.24 10.28
CA GLN A 160 -16.20 11.59 9.86
C GLN A 160 -16.52 10.32 9.10
N LEU A 161 -15.91 10.16 7.92
CA LEU A 161 -16.19 9.00 7.10
C LEU A 161 -15.72 7.72 7.79
N ASN A 162 -16.48 6.64 7.63
CA ASN A 162 -16.17 5.37 8.28
C ASN A 162 -16.02 4.27 7.25
N PRO A 163 -14.88 4.23 6.54
CA PRO A 163 -14.77 3.27 5.42
C PRO A 163 -14.88 1.81 5.84
N GLN A 164 -14.56 1.47 7.09
CA GLN A 164 -14.56 0.07 7.49
C GLN A 164 -15.97 -0.46 7.63
N GLY A 165 -16.98 0.40 7.59
CA GLY A 165 -18.36 -0.03 7.54
C GLY A 165 -18.92 -0.14 6.13
N MET A 166 -18.04 -0.37 5.14
CA MET A 166 -18.42 -0.49 3.73
C MET A 166 -17.85 -1.79 3.15
N ASP A 167 -18.49 -2.31 2.09
CA ASP A 167 -18.10 -3.59 1.50
C ASP A 167 -17.00 -3.38 0.46
N THR A 168 -15.96 -4.21 0.53
CA THR A 168 -14.76 -4.02 -0.27
C THR A 168 -14.47 -5.21 -1.17
N SER A 169 -15.46 -6.08 -1.37
CA SER A 169 -15.34 -7.16 -2.33
C SER A 169 -15.17 -6.61 -3.75
N ASN A 170 -15.76 -5.45 -4.03
CA ASN A 170 -15.62 -4.79 -5.33
C ASN A 170 -15.11 -3.38 -5.10
N MET A 171 -13.97 -3.04 -5.72
CA MET A 171 -13.32 -1.76 -5.40
C MET A 171 -14.11 -0.57 -5.95
N ASP A 172 -14.72 -0.73 -7.13
CA ASP A 172 -15.50 0.35 -7.70
C ASP A 172 -16.76 0.63 -6.86
N VAL A 173 -17.43 -0.42 -6.41
CA VAL A 173 -18.61 -0.24 -5.57
C VAL A 173 -18.25 0.42 -4.26
N PHE A 174 -17.10 0.06 -3.70
CA PHE A 174 -16.63 0.72 -2.49
C PHE A 174 -16.43 2.22 -2.72
N VAL A 175 -15.72 2.57 -3.78
CA VAL A 175 -15.45 3.98 -4.05
C VAL A 175 -16.78 4.75 -4.17
N GLN A 176 -17.74 4.19 -4.90
CA GLN A 176 -18.96 4.97 -5.11
C GLN A 176 -19.81 5.02 -3.84
N GLN A 177 -19.76 3.99 -3.00
CA GLN A 177 -20.45 4.12 -1.73
C GLN A 177 -19.81 5.21 -0.88
N TYR A 178 -18.48 5.26 -0.88
CA TYR A 178 -17.76 6.28 -0.11
C TYR A 178 -18.11 7.68 -0.59
N ALA A 179 -18.10 7.87 -1.92
CA ALA A 179 -18.41 9.18 -2.49
C ALA A 179 -19.87 9.56 -2.26
N ASP A 180 -20.79 8.60 -2.39
CA ASP A 180 -22.20 8.88 -2.18
C ASP A 180 -22.46 9.25 -0.72
N THR A 181 -21.71 8.63 0.19
CA THR A 181 -21.79 9.01 1.60
C THR A 181 -21.34 10.45 1.82
N VAL A 182 -20.19 10.83 1.22
CA VAL A 182 -19.75 12.22 1.35
C VAL A 182 -20.81 13.16 0.82
N LYS A 183 -21.41 12.82 -0.33
CA LYS A 183 -22.46 13.66 -0.88
C LYS A 183 -23.63 13.75 0.08
N TYR A 184 -24.04 12.60 0.62
CA TYR A 184 -25.16 12.58 1.57
C TYR A 184 -24.86 13.47 2.77
N LEU A 185 -23.65 13.38 3.32
CA LEU A 185 -23.29 14.17 4.49
C LEU A 185 -23.26 15.65 4.16
N SER A 186 -22.67 16.02 3.00
CA SER A 186 -22.58 17.41 2.62
C SER A 186 -23.96 18.04 2.50
N GLU A 187 -24.99 17.23 2.26
CA GLU A 187 -26.36 17.67 2.11
C GLU A 187 -27.14 17.66 3.42
N LYS A 188 -26.51 17.32 4.55
CA LYS A 188 -27.19 17.28 5.82
C LYS A 188 -27.44 18.68 6.33
N ALA B 1 30.79 -12.55 12.01
CA ALA B 1 30.33 -12.80 10.66
C ALA B 1 29.95 -11.48 10.04
N GLN B 2 29.51 -11.53 8.78
CA GLN B 2 29.04 -10.35 8.06
C GLN B 2 27.55 -10.13 8.24
N TYR B 3 26.75 -11.20 8.21
CA TYR B 3 25.32 -11.13 8.46
C TYR B 3 25.05 -11.41 9.93
N GLU B 4 24.57 -10.41 10.67
CA GLU B 4 24.32 -10.56 12.09
C GLU B 4 22.82 -10.54 12.36
N ASP B 5 22.48 -11.00 13.56
CA ASP B 5 21.09 -11.04 13.98
C ASP B 5 20.64 -9.68 14.53
N GLY B 6 19.47 -9.23 14.10
CA GLY B 6 19.03 -7.89 14.36
C GLY B 6 19.39 -6.88 13.29
N LYS B 7 20.33 -7.19 12.40
CA LYS B 7 20.71 -6.22 11.36
C LYS B 7 20.12 -6.64 10.04
N GLN B 8 20.82 -7.44 9.23
CA GLN B 8 20.24 -7.86 7.94
C GLN B 8 19.14 -8.89 8.12
N TYR B 9 18.81 -9.25 9.36
CA TYR B 9 17.75 -10.22 9.60
C TYR B 9 17.48 -10.27 11.10
N THR B 10 16.43 -11.00 11.47
CA THR B 10 16.05 -11.18 12.87
C THR B 10 15.70 -12.65 13.10
N THR B 11 15.51 -13.00 14.36
CA THR B 11 15.22 -14.37 14.77
C THR B 11 13.83 -14.46 15.37
N LEU B 12 13.11 -15.52 14.99
CA LEU B 12 11.78 -15.77 15.53
C LEU B 12 11.86 -16.33 16.96
N GLU B 13 11.12 -15.71 17.87
CA GLU B 13 11.06 -16.20 19.25
C GLU B 13 10.40 -17.57 19.32
N LYS B 14 9.47 -17.84 18.41
CA LYS B 14 8.76 -19.12 18.34
C LYS B 14 9.12 -19.79 17.02
N PRO B 15 10.18 -20.59 16.99
CA PRO B 15 10.54 -21.29 15.74
C PRO B 15 9.34 -22.05 15.20
N VAL B 16 8.96 -21.75 13.96
CA VAL B 16 7.84 -22.44 13.35
C VAL B 16 8.30 -23.78 12.80
N ALA B 17 8.23 -24.81 13.65
CA ALA B 17 8.69 -26.15 13.25
C ALA B 17 7.90 -26.63 12.04
N GLY B 18 8.62 -27.29 11.11
CA GLY B 18 7.97 -27.79 9.92
C GLY B 18 7.63 -26.74 8.88
N ALA B 19 8.21 -25.55 8.98
CA ALA B 19 7.94 -24.48 8.03
C ALA B 19 8.75 -24.70 6.76
N PRO B 20 8.36 -24.03 5.68
CA PRO B 20 9.16 -24.09 4.45
C PRO B 20 10.58 -23.62 4.70
N GLN B 21 11.50 -24.10 3.85
CA GLN B 21 12.91 -23.75 3.97
C GLN B 21 13.13 -22.27 3.65
N VAL B 22 12.63 -21.80 2.51
CA VAL B 22 12.61 -20.38 2.16
C VAL B 22 11.17 -20.04 1.80
N LEU B 23 10.59 -19.07 2.51
CA LEU B 23 9.16 -18.77 2.40
C LEU B 23 8.96 -17.27 2.28
N GLU B 24 8.38 -16.83 1.17
CA GLU B 24 8.06 -15.43 0.93
C GLU B 24 6.56 -15.22 1.02
N PHE B 25 6.14 -14.14 1.69
CA PHE B 25 4.76 -13.67 1.69
C PHE B 25 4.67 -12.38 0.88
N PHE B 26 3.60 -12.23 0.12
CA PHE B 26 3.46 -11.02 -0.69
C PHE B 26 1.98 -10.69 -0.81
N SER B 27 1.71 -9.57 -1.45
CA SER B 27 0.34 -9.23 -1.83
C SER B 27 0.35 -8.55 -3.18
N PHE B 28 -0.66 -8.84 -4.01
CA PHE B 28 -0.77 -8.15 -5.28
C PHE B 28 -1.14 -6.67 -5.13
N PHE B 29 -1.51 -6.23 -3.91
CA PHE B 29 -1.72 -4.81 -3.60
C PHE B 29 -0.48 -4.10 -3.08
N CYS B 30 0.59 -4.82 -2.79
CA CYS B 30 1.73 -4.27 -2.09
CA CYS B 30 1.73 -4.27 -2.09
C CYS B 30 2.71 -3.68 -3.10
N PRO B 31 2.96 -2.36 -3.07
CA PRO B 31 3.84 -1.77 -4.10
C PRO B 31 5.30 -2.15 -3.93
N HIS B 32 5.80 -2.33 -2.71
CA HIS B 32 7.14 -2.93 -2.56
C HIS B 32 7.18 -4.32 -3.16
N CYS B 33 6.14 -5.13 -2.90
CA CYS B 33 6.12 -6.48 -3.48
CA CYS B 33 6.10 -6.48 -3.48
C CYS B 33 6.14 -6.40 -4.99
N TYR B 34 5.39 -5.45 -5.57
CA TYR B 34 5.45 -5.21 -7.00
C TYR B 34 6.86 -4.86 -7.43
N GLN B 35 7.50 -3.98 -6.67
CA GLN B 35 8.86 -3.55 -6.99
C GLN B 35 9.85 -4.72 -6.89
N PHE B 36 9.75 -5.53 -5.84
CA PHE B 36 10.60 -6.72 -5.66
C PHE B 36 10.51 -7.67 -6.84
N GLU B 37 9.29 -7.88 -7.33
CA GLU B 37 9.07 -8.90 -8.34
C GLU B 37 9.42 -8.39 -9.74
N GLU B 38 8.90 -7.22 -10.10
CA GLU B 38 8.94 -6.75 -11.49
C GLU B 38 10.20 -5.97 -11.81
N VAL B 39 10.84 -5.36 -10.80
CA VAL B 39 12.02 -4.53 -11.02
C VAL B 39 13.27 -5.18 -10.44
N LEU B 40 13.28 -5.47 -9.13
CA LEU B 40 14.47 -6.05 -8.50
C LEU B 40 14.65 -7.53 -8.81
N HIS B 41 13.59 -8.27 -9.11
CA HIS B 41 13.69 -9.71 -9.32
C HIS B 41 14.32 -10.39 -8.10
N ILE B 42 13.85 -9.99 -6.91
CA ILE B 42 14.41 -10.52 -5.66
C ILE B 42 14.38 -12.04 -5.63
N SER B 43 13.21 -12.63 -5.93
CA SER B 43 13.05 -14.08 -5.83
C SER B 43 14.07 -14.79 -6.71
N ASP B 44 14.13 -14.41 -7.98
CA ASP B 44 15.06 -15.04 -8.90
C ASP B 44 16.51 -14.90 -8.41
N ASN B 45 16.85 -13.74 -7.83
CA ASN B 45 18.24 -13.55 -7.40
C ASN B 45 18.53 -14.35 -6.14
N VAL B 46 17.51 -14.55 -5.29
CA VAL B 46 17.62 -15.48 -4.18
C VAL B 46 17.80 -16.90 -4.69
N LYS B 47 16.94 -17.35 -5.62
CA LYS B 47 17.07 -18.72 -6.11
C LYS B 47 18.41 -18.94 -6.82
N LYS B 48 18.84 -17.99 -7.65
CA LYS B 48 20.13 -18.10 -8.33
C LYS B 48 21.27 -18.39 -7.36
N LYS B 49 21.09 -18.05 -6.08
CA LYS B 49 22.13 -18.20 -5.09
C LYS B 49 21.81 -19.23 -4.01
N LEU B 50 20.61 -19.80 -3.99
CA LEU B 50 20.28 -20.74 -2.94
C LEU B 50 21.08 -22.04 -3.08
N PRO B 51 21.51 -22.63 -1.97
CA PRO B 51 22.22 -23.91 -2.05
C PRO B 51 21.38 -24.94 -2.80
N GLU B 52 22.08 -25.96 -3.29
CA GLU B 52 21.43 -27.01 -4.04
C GLU B 52 20.43 -27.77 -3.16
N GLY B 53 19.23 -27.99 -3.67
CA GLY B 53 18.20 -28.71 -2.95
C GLY B 53 17.31 -27.87 -2.06
N VAL B 54 17.32 -26.54 -2.22
CA VAL B 54 16.48 -25.67 -1.42
C VAL B 54 15.38 -25.15 -2.33
N LYS B 55 14.14 -25.57 -2.07
CA LYS B 55 12.98 -25.11 -2.81
C LYS B 55 12.44 -23.83 -2.17
N MET B 56 11.89 -22.97 -3.02
CA MET B 56 11.35 -21.70 -2.57
C MET B 56 9.84 -21.75 -2.60
N THR B 57 9.21 -21.26 -1.52
CA THR B 57 7.77 -21.25 -1.37
C THR B 57 7.31 -19.81 -1.26
N LYS B 58 6.23 -19.47 -1.97
CA LYS B 58 5.72 -18.11 -2.01
C LYS B 58 4.22 -18.14 -1.77
N TYR B 59 3.76 -17.38 -0.77
CA TYR B 59 2.36 -17.34 -0.35
C TYR B 59 1.82 -15.90 -0.42
N HIS B 60 0.53 -15.79 -0.78
CA HIS B 60 -0.20 -14.53 -0.79
C HIS B 60 -0.87 -14.29 0.57
N VAL B 61 -1.04 -13.00 0.94
CA VAL B 61 -1.66 -12.67 2.22
C VAL B 61 -2.97 -11.91 1.99
N ASN B 62 -3.87 -12.07 2.98
CA ASN B 62 -5.23 -11.56 2.97
C ASN B 62 -5.37 -10.10 3.40
N PHE B 63 -4.43 -9.55 4.18
CA PHE B 63 -4.70 -8.36 4.98
C PHE B 63 -4.49 -7.06 4.23
N MET B 64 -4.28 -7.10 2.91
CA MET B 64 -4.27 -5.90 2.10
C MET B 64 -5.36 -5.99 1.06
N GLY B 65 -5.94 -4.84 0.72
CA GLY B 65 -6.88 -4.77 -0.38
C GLY B 65 -8.29 -5.18 -0.07
N GLY B 66 -8.74 -5.04 1.18
CA GLY B 66 -10.10 -5.47 1.52
C GLY B 66 -10.36 -6.95 1.26
N ASP B 67 -11.63 -7.29 1.02
CA ASP B 67 -12.00 -8.68 0.76
C ASP B 67 -11.51 -9.14 -0.60
N LEU B 68 -11.28 -8.21 -1.53
CA LEU B 68 -10.62 -8.63 -2.77
C LEU B 68 -9.26 -9.21 -2.48
N GLY B 69 -8.59 -8.76 -1.41
CA GLY B 69 -7.33 -9.36 -1.04
C GLY B 69 -7.47 -10.84 -0.76
N LYS B 70 -8.57 -11.22 -0.09
CA LYS B 70 -8.81 -12.62 0.21
C LYS B 70 -9.02 -13.42 -1.06
N ASP B 71 -9.80 -12.87 -2.02
CA ASP B 71 -9.99 -13.53 -3.31
C ASP B 71 -8.67 -13.75 -4.03
N LEU B 72 -7.72 -12.82 -3.93
CA LEU B 72 -6.43 -12.99 -4.59
C LEU B 72 -5.59 -14.07 -3.94
N THR B 73 -5.72 -14.26 -2.63
CA THR B 73 -5.07 -15.41 -2.00
C THR B 73 -5.58 -16.71 -2.60
N GLN B 74 -6.91 -16.81 -2.79
CA GLN B 74 -7.48 -18.02 -3.42
C GLN B 74 -7.07 -18.16 -4.88
N ALA B 75 -6.97 -17.03 -5.60
CA ALA B 75 -6.51 -17.07 -6.99
C ALA B 75 -5.05 -17.52 -7.06
N TRP B 76 -4.24 -17.07 -6.10
CA TRP B 76 -2.86 -17.50 -6.03
C TRP B 76 -2.75 -18.99 -5.70
N ALA B 77 -3.67 -19.52 -4.88
CA ALA B 77 -3.76 -20.95 -4.71
C ALA B 77 -4.05 -21.64 -6.05
N VAL B 78 -5.03 -21.11 -6.80
CA VAL B 78 -5.29 -21.66 -8.14
C VAL B 78 -4.01 -21.63 -8.97
N ALA B 79 -3.28 -20.50 -8.91
CA ALA B 79 -2.07 -20.36 -9.71
C ALA B 79 -1.05 -21.45 -9.35
N MET B 80 -0.84 -21.68 -8.06
CA MET B 80 0.08 -22.73 -7.65
C MET B 80 -0.44 -24.12 -8.06
N ALA B 81 -1.72 -24.39 -7.84
CA ALA B 81 -2.26 -25.72 -8.17
C ALA B 81 -2.18 -26.01 -9.68
N LEU B 82 -2.32 -24.98 -10.51
CA LEU B 82 -2.23 -25.19 -11.95
C LEU B 82 -0.81 -25.05 -12.47
N GLY B 83 0.12 -24.63 -11.61
CA GLY B 83 1.48 -24.35 -12.04
C GLY B 83 1.60 -23.23 -13.05
N VAL B 84 0.84 -22.14 -12.86
CA VAL B 84 0.92 -21.04 -13.82
C VAL B 84 1.38 -19.75 -13.15
N GLU B 85 2.17 -19.87 -12.07
CA GLU B 85 2.65 -18.67 -11.38
C GLU B 85 3.39 -17.74 -12.34
N ASP B 86 4.21 -18.29 -13.22
CA ASP B 86 5.03 -17.49 -14.11
C ASP B 86 4.23 -16.93 -15.29
N LYS B 87 2.95 -17.26 -15.39
CA LYS B 87 2.10 -16.73 -16.45
C LYS B 87 1.17 -15.62 -15.97
N VAL B 88 0.75 -15.67 -14.72
CA VAL B 88 -0.27 -14.76 -14.21
C VAL B 88 0.28 -13.71 -13.26
N THR B 89 1.50 -13.87 -12.75
CA THR B 89 1.99 -13.00 -11.68
C THR B 89 2.05 -11.56 -12.15
N VAL B 90 2.66 -11.32 -13.32
CA VAL B 90 2.72 -9.95 -13.83
C VAL B 90 1.33 -9.42 -14.21
N PRO B 91 0.52 -10.12 -15.01
CA PRO B 91 -0.84 -9.61 -15.26
C PRO B 91 -1.63 -9.28 -13.98
N LEU B 92 -1.42 -10.04 -12.89
CA LEU B 92 -2.16 -9.78 -11.67
C LEU B 92 -1.62 -8.55 -10.95
N PHE B 93 -0.29 -8.45 -10.75
CA PHE B 93 0.28 -7.20 -10.23
C PHE B 93 -0.20 -6.03 -11.05
N GLU B 94 -0.01 -6.11 -12.37
CA GLU B 94 -0.38 -5.01 -13.26
C GLU B 94 -1.88 -4.73 -13.20
N GLY B 95 -2.70 -5.79 -13.16
CA GLY B 95 -4.14 -5.58 -13.14
C GLY B 95 -4.61 -4.86 -11.90
N VAL B 96 -4.02 -5.17 -10.74
CA VAL B 96 -4.37 -4.50 -9.50
C VAL B 96 -3.77 -3.09 -9.43
N GLN B 97 -2.47 -2.95 -9.68
CA GLN B 97 -1.81 -1.70 -9.37
C GLN B 97 -1.59 -0.78 -10.57
N LYS B 98 -1.54 -1.31 -11.78
CA LYS B 98 -1.09 -0.52 -12.90
C LYS B 98 -2.26 -0.16 -13.82
N THR B 99 -2.81 -1.16 -14.51
CA THR B 99 -3.96 -0.89 -15.38
C THR B 99 -5.25 -0.77 -14.57
N GLN B 100 -5.25 -1.27 -13.34
CA GLN B 100 -6.41 -1.18 -12.47
C GLN B 100 -7.66 -1.73 -13.15
N THR B 101 -7.50 -2.92 -13.71
CA THR B 101 -8.58 -3.67 -14.34
C THR B 101 -9.02 -4.84 -13.47
N ILE B 102 -8.36 -5.07 -12.36
CA ILE B 102 -8.75 -6.10 -11.39
C ILE B 102 -9.46 -5.37 -10.26
N ARG B 103 -10.80 -5.41 -10.28
CA ARG B 103 -11.60 -4.69 -9.30
C ARG B 103 -12.50 -5.62 -8.49
N SER B 104 -12.60 -6.90 -8.87
CA SER B 104 -13.46 -7.89 -8.23
C SER B 104 -12.97 -9.27 -8.66
N ALA B 105 -13.57 -10.29 -8.03
CA ALA B 105 -13.16 -11.67 -8.28
C ALA B 105 -13.23 -12.02 -9.76
N SER B 106 -14.32 -11.65 -10.42
CA SER B 106 -14.52 -12.02 -11.82
C SER B 106 -13.42 -11.49 -12.73
N ASP B 107 -12.85 -10.32 -12.41
CA ASP B 107 -11.71 -9.82 -13.18
C ASP B 107 -10.48 -10.70 -13.01
N ILE B 108 -10.29 -11.29 -11.83
CA ILE B 108 -9.18 -12.23 -11.65
C ILE B 108 -9.33 -13.41 -12.61
N ARG B 109 -10.52 -14.02 -12.62
CA ARG B 109 -10.79 -15.10 -13.57
C ARG B 109 -10.32 -14.73 -14.97
N ASP B 110 -10.56 -13.49 -15.38
CA ASP B 110 -10.29 -13.12 -16.77
C ASP B 110 -8.80 -13.15 -17.08
N VAL B 111 -7.97 -12.77 -16.10
CA VAL B 111 -6.52 -12.87 -16.28
C VAL B 111 -6.11 -14.30 -16.61
N PHE B 112 -6.69 -15.29 -15.92
CA PHE B 112 -6.32 -16.69 -16.21
C PHE B 112 -6.81 -17.12 -17.59
N ILE B 113 -8.08 -16.83 -17.90
CA ILE B 113 -8.60 -17.17 -19.22
C ILE B 113 -7.75 -16.50 -20.29
N ASN B 114 -7.45 -15.22 -20.12
CA ASN B 114 -6.66 -14.51 -21.10
C ASN B 114 -5.24 -15.08 -21.21
N ALA B 115 -4.73 -15.70 -20.13
CA ALA B 115 -3.44 -16.41 -20.20
C ALA B 115 -3.55 -17.80 -20.83
N GLY B 116 -4.76 -18.24 -21.21
CA GLY B 116 -4.91 -19.51 -21.89
C GLY B 116 -5.54 -20.63 -21.07
N ILE B 117 -5.83 -20.40 -19.80
CA ILE B 117 -6.54 -21.38 -18.97
C ILE B 117 -8.01 -21.37 -19.35
N LYS B 118 -8.58 -22.55 -19.60
CA LYS B 118 -10.01 -22.61 -19.85
C LYS B 118 -10.78 -22.17 -18.61
N GLY B 119 -11.88 -21.45 -18.84
CA GLY B 119 -12.71 -21.00 -17.72
C GLY B 119 -13.18 -22.14 -16.82
N GLU B 120 -13.72 -23.22 -17.42
CA GLU B 120 -14.21 -24.35 -16.64
C GLU B 120 -13.13 -24.95 -15.76
N GLU B 121 -11.88 -24.95 -16.24
CA GLU B 121 -10.76 -25.51 -15.47
C GLU B 121 -10.38 -24.59 -14.31
N TYR B 122 -10.31 -23.28 -14.57
CA TYR B 122 -10.15 -22.32 -13.48
C TYR B 122 -11.24 -22.49 -12.44
N ASP B 123 -12.51 -22.59 -12.87
CA ASP B 123 -13.56 -22.78 -11.88
C ASP B 123 -13.41 -24.10 -11.14
N ALA B 124 -13.10 -25.18 -11.87
CA ALA B 124 -12.86 -26.45 -11.19
C ALA B 124 -11.76 -26.29 -10.14
N ALA B 125 -10.64 -25.69 -10.53
CA ALA B 125 -9.56 -25.51 -9.58
C ALA B 125 -10.03 -24.63 -8.41
N TRP B 126 -10.71 -23.53 -8.73
CA TRP B 126 -11.12 -22.58 -7.69
C TRP B 126 -11.84 -23.29 -6.57
N ASN B 127 -12.72 -24.22 -6.94
CA ASN B 127 -13.53 -24.94 -5.96
C ASN B 127 -12.94 -26.29 -5.59
N SER B 128 -11.67 -26.52 -5.92
CA SER B 128 -11.08 -27.83 -5.68
C SER B 128 -10.66 -27.98 -4.22
N PHE B 129 -10.54 -29.25 -3.80
CA PHE B 129 -9.99 -29.53 -2.47
C PHE B 129 -8.55 -29.08 -2.36
N VAL B 130 -7.75 -29.35 -3.39
CA VAL B 130 -6.37 -28.85 -3.42
C VAL B 130 -6.32 -27.36 -3.07
N VAL B 131 -7.19 -26.58 -3.71
CA VAL B 131 -7.07 -25.12 -3.54
C VAL B 131 -7.57 -24.68 -2.17
N LYS B 132 -8.55 -25.39 -1.62
CA LYS B 132 -9.00 -25.01 -0.29
C LYS B 132 -7.91 -25.32 0.74
N SER B 133 -7.20 -26.44 0.57
CA SER B 133 -6.09 -26.77 1.44
C SER B 133 -4.94 -25.80 1.26
N LEU B 134 -4.73 -25.34 0.02
CA LEU B 134 -3.71 -24.32 -0.24
C LEU B 134 -4.05 -23.01 0.45
N VAL B 135 -5.29 -22.55 0.31
CA VAL B 135 -5.68 -21.31 0.98
C VAL B 135 -5.46 -21.44 2.49
N ALA B 136 -5.85 -22.60 3.05
CA ALA B 136 -5.71 -22.75 4.49
C ALA B 136 -4.26 -22.81 4.90
N GLN B 137 -3.43 -23.44 4.05
CA GLN B 137 -2.01 -23.54 4.32
C GLN B 137 -1.35 -22.16 4.28
N GLN B 138 -1.76 -21.31 3.33
CA GLN B 138 -1.25 -19.95 3.25
C GLN B 138 -1.62 -19.15 4.48
N GLU B 139 -2.88 -19.28 4.94
CA GLU B 139 -3.31 -18.52 6.10
C GLU B 139 -2.57 -18.98 7.36
N LYS B 140 -2.56 -20.30 7.61
CA LYS B 140 -1.90 -20.79 8.82
C LYS B 140 -0.42 -20.44 8.83
N ALA B 141 0.23 -20.44 7.67
CA ALA B 141 1.63 -20.01 7.62
C ALA B 141 1.79 -18.56 8.06
N ALA B 142 0.88 -17.68 7.64
CA ALA B 142 0.95 -16.28 8.05
C ALA B 142 0.71 -16.13 9.55
N ALA B 143 -0.35 -16.75 10.07
CA ALA B 143 -0.62 -16.69 11.48
C ALA B 143 0.51 -17.29 12.30
N ASP B 144 1.29 -18.21 11.72
CA ASP B 144 2.30 -18.91 12.50
C ASP B 144 3.45 -18.00 12.90
N VAL B 145 3.79 -17.02 12.09
CA VAL B 145 4.82 -16.05 12.44
C VAL B 145 4.23 -14.68 12.78
N GLN B 146 2.93 -14.64 13.11
CA GLN B 146 2.24 -13.40 13.42
C GLN B 146 2.60 -12.30 12.41
N LEU B 147 2.59 -12.67 11.13
CA LEU B 147 2.95 -11.74 10.07
C LEU B 147 2.12 -10.46 10.17
N ARG B 148 2.80 -9.31 10.07
CA ARG B 148 2.14 -8.01 10.16
C ARG B 148 2.30 -7.15 8.91
N GLY B 149 3.13 -7.53 7.95
CA GLY B 149 3.24 -6.78 6.71
C GLY B 149 4.05 -7.55 5.67
N VAL B 150 4.04 -7.01 4.45
CA VAL B 150 4.73 -7.59 3.30
C VAL B 150 5.49 -6.47 2.60
N PRO B 151 6.55 -6.80 1.84
CA PRO B 151 7.05 -8.17 1.71
C PRO B 151 7.73 -8.71 2.97
N ALA B 152 7.96 -10.02 2.96
CA ALA B 152 8.55 -10.67 4.12
C ALA B 152 9.14 -12.01 3.68
N MET B 153 10.34 -12.29 4.18
CA MET B 153 11.08 -13.47 3.79
C MET B 153 11.46 -14.21 5.06
N PHE B 154 11.16 -15.50 5.09
CA PHE B 154 11.45 -16.36 6.23
C PHE B 154 12.25 -17.55 5.74
N VAL B 155 13.31 -17.88 6.47
CA VAL B 155 14.18 -18.99 6.15
C VAL B 155 14.00 -20.07 7.20
N ASN B 156 13.63 -21.27 6.77
CA ASN B 156 13.25 -22.34 7.67
C ASN B 156 12.04 -21.81 8.45
N GLY B 157 12.08 -21.76 9.77
CA GLY B 157 11.01 -21.11 10.50
C GLY B 157 11.58 -20.30 11.65
N LYS B 158 12.80 -19.82 11.48
CA LYS B 158 13.53 -19.19 12.57
C LYS B 158 14.05 -17.81 12.25
N TYR B 159 14.28 -17.46 10.99
CA TYR B 159 14.95 -16.21 10.63
C TYR B 159 14.12 -15.40 9.65
N GLN B 160 13.97 -14.11 9.94
CA GLN B 160 13.22 -13.19 9.09
C GLN B 160 14.19 -12.16 8.49
N LEU B 161 14.12 -11.97 7.17
CA LEU B 161 14.97 -10.99 6.52
C LEU B 161 14.60 -9.60 7.00
N ASN B 162 15.59 -8.71 7.04
CA ASN B 162 15.41 -7.33 7.48
C ASN B 162 15.98 -6.36 6.46
N PRO B 163 15.30 -6.14 5.33
CA PRO B 163 15.88 -5.29 4.27
C PRO B 163 16.15 -3.87 4.73
N GLN B 164 15.39 -3.36 5.70
CA GLN B 164 15.65 -2.01 6.21
C GLN B 164 17.10 -1.84 6.63
N GLY B 165 17.75 -2.93 7.05
CA GLY B 165 19.09 -2.85 7.57
C GLY B 165 20.17 -3.26 6.59
N MET B 166 19.84 -3.22 5.30
CA MET B 166 20.76 -3.42 4.19
C MET B 166 21.09 -2.07 3.55
N ASP B 167 21.99 -2.10 2.59
CA ASP B 167 22.24 -0.95 1.72
C ASP B 167 21.09 -0.85 0.72
N THR B 168 20.21 0.14 0.88
CA THR B 168 19.05 0.30 0.01
C THR B 168 19.22 1.43 -0.99
N SER B 169 20.40 2.05 -1.03
CA SER B 169 20.70 3.06 -2.03
C SER B 169 20.87 2.44 -3.41
N ASN B 170 21.92 1.63 -3.59
CA ASN B 170 22.20 0.95 -4.84
C ASN B 170 21.33 -0.30 -4.97
N MET B 171 20.41 -0.30 -5.94
CA MET B 171 19.54 -1.45 -6.14
C MET B 171 20.35 -2.71 -6.46
N ASP B 172 21.42 -2.62 -7.23
CA ASP B 172 22.11 -3.84 -7.60
C ASP B 172 22.79 -4.45 -6.39
N VAL B 173 23.49 -3.64 -5.61
CA VAL B 173 24.14 -4.09 -4.38
C VAL B 173 23.10 -4.62 -3.38
N PHE B 174 21.98 -3.91 -3.24
CA PHE B 174 20.91 -4.35 -2.33
C PHE B 174 20.37 -5.73 -2.71
N VAL B 175 20.07 -5.94 -4.00
CA VAL B 175 19.56 -7.26 -4.40
C VAL B 175 20.57 -8.35 -4.03
N GLN B 176 21.85 -8.19 -4.42
CA GLN B 176 22.82 -9.22 -4.08
C GLN B 176 22.97 -9.38 -2.56
N GLN B 177 22.85 -8.29 -1.79
CA GLN B 177 22.95 -8.39 -0.33
C GLN B 177 21.78 -9.16 0.25
N TYR B 178 20.57 -8.89 -0.25
CA TYR B 178 19.39 -9.65 0.14
C TYR B 178 19.56 -11.13 -0.19
N ALA B 179 19.93 -11.44 -1.45
CA ALA B 179 20.14 -12.83 -1.83
C ALA B 179 21.22 -13.50 -0.99
N ASP B 180 22.34 -12.81 -0.75
CA ASP B 180 23.44 -13.39 0.02
C ASP B 180 23.03 -13.63 1.48
N THR B 181 22.16 -12.80 2.04
CA THR B 181 21.66 -13.03 3.40
C THR B 181 20.82 -14.30 3.47
N VAL B 182 19.90 -14.48 2.52
CA VAL B 182 19.13 -15.72 2.45
C VAL B 182 20.07 -16.93 2.42
N LYS B 183 21.05 -16.92 1.51
CA LYS B 183 21.97 -18.05 1.36
C LYS B 183 22.64 -18.39 2.69
N TYR B 184 23.12 -17.35 3.38
CA TYR B 184 23.78 -17.53 4.66
C TYR B 184 22.85 -18.16 5.68
N LEU B 185 21.59 -17.71 5.73
CA LEU B 185 20.68 -18.20 6.75
C LEU B 185 20.30 -19.66 6.50
N SER B 186 20.05 -20.01 5.23
CA SER B 186 19.68 -21.38 4.90
C SER B 186 20.77 -22.36 5.35
N GLU B 187 22.02 -21.93 5.32
CA GLU B 187 23.15 -22.76 5.71
C GLU B 187 23.37 -22.78 7.21
N LYS B 188 22.42 -22.31 8.02
CA LYS B 188 22.60 -22.32 9.46
C LYS B 188 21.94 -23.54 10.10
C10 KFS C . -10.01 0.66 5.80
C13 KFS C . -8.37 3.55 7.83
C17 KFS C . -9.30 3.36 5.37
C20 KFS C . -7.99 -0.13 1.23
C02 KFS C . -7.88 -0.93 -1.11
C03 KFS C . -8.64 -0.55 0.15
C04 KFS C . -10.15 -0.65 0.14
C05 KFS C . -10.87 -1.12 -1.11
C06 KFS C . -10.82 -0.30 1.22
C07 KFS C . -10.09 0.18 2.47
C09 KFS C . -10.24 1.23 4.63
C11 KFS C . -9.36 1.46 6.93
C12 KFS C . -9.03 2.72 6.71
C14 KFS C . -7.12 2.85 8.37
C18 KFS C . -9.86 2.69 4.40
C19 KFS C . -8.77 0.27 2.48
N01 KFS C . -7.32 -1.22 -2.05
O08 KFS C . -10.86 0.51 3.60
O15 KFS C . -7.27 1.91 9.19
O16 KFS C . -5.98 3.24 7.99
H101 KFS C . -10.25 -0.22 5.94
H132 KFS C . -9.00 3.67 8.55
H131 KFS C . -8.13 4.42 7.47
H171 KFS C . -9.07 4.26 5.23
H201 KFS C . -7.07 -0.08 1.23
H053 KFS C . -11.83 -0.99 -1.01
H051 KFS C . -10.68 -2.06 -1.26
H052 KFS C . -10.57 -0.60 -1.87
H061 KFS C . -11.75 -0.35 1.22
H111 KFS C . -9.19 1.07 7.75
H181 KFS C . -10.02 3.09 3.58
H191 KFS C . -8.33 0.56 3.24
C10 KFS D . 12.39 -1.87 2.76
C13 KFS D . 9.46 -4.21 3.83
C17 KFS D . 11.27 -4.36 1.92
C20 KFS D . 12.51 -1.21 -2.31
C02 KFS D . 13.60 -0.73 -4.50
C03 KFS D . 13.62 -1.07 -3.01
C04 KFS D . 14.98 -1.23 -2.37
C05 KFS D . 16.25 -1.06 -3.23
C06 KFS D . 15.06 -1.52 -1.10
C07 KFS D . 13.79 -1.70 -0.28
C09 KFS D . 12.89 -2.52 1.72
C11 KFS D . 11.19 -2.46 3.50
C12 KFS D . 10.67 -3.61 3.10
C14 KFS D . 8.32 -3.19 3.95
C18 KFS D . 12.31 -3.86 1.28
C19 KFS D . 12.59 -1.55 -0.83
N01 KFS D . 13.65 -0.49 -5.59
O08 KFS D . 13.98 -1.99 1.06
O15 KFS D . 8.28 -2.45 4.97
O16 KFS D . 7.43 -3.07 3.08
H101 KFS D . 12.76 -1.07 3.03
H132 KFS D . 9.73 -4.49 4.73
H131 KFS D . 9.13 -4.99 3.34
H171 KFS D . 10.90 -5.16 1.65
H201 KFS D . 11.68 -1.10 -2.72
H053 KFS D . 17.02 -1.33 -2.72
H051 KFS D . 16.35 -0.13 -3.49
H052 KFS D . 16.18 -1.61 -4.03
H061 KFS D . 15.89 -1.62 -0.70
H111 KFS D . 10.82 -2.02 4.22
H181 KFS D . 12.68 -4.32 0.57
H191 KFS D . 11.82 -1.65 -0.31
CU CU E . 31.08 -6.43 11.92
#